data_7HBC
#
_entry.id   7HBC
#
_cell.length_a   65.778
_cell.length_b   89.297
_cell.length_c   99.659
_cell.angle_alpha   90.000
_cell.angle_beta   90.000
_cell.angle_gamma   90.000
#
_symmetry.space_group_name_H-M   'I 2 2 2'
#
loop_
_entity.id
_entity.type
_entity.pdbx_description
1 polymer 'Heat shock protein HSP 90-alpha'
2 non-polymer 2-oxo-2,3-dihydro-1,3-benzoxazole-6-sulfonamide
3 water water
#
_entity_poly.entity_id   1
_entity_poly.type   'polypeptide(L)'
_entity_poly.pdbx_seq_one_letter_code
;MDQPMEEEEVETFAFQAEIAQLMSLIINTFYSNKEIFLRELISNSSDALDKIRYESLTDPSKLDSGKELHINLIPNKQDR
TLTIVDTGIGMTKADLINNLGTIAKSGTKAFMEALQAGADISMIGQFGVGFYSAYLVAEKVTVITKHNDDEQYAWESSAG
GSFTVRTDTGEPMGRGTKVILHLKEDQTEYLEERRIKEIVKKHSQFIGYPITLFVEKERDKEVSDDEAELEHHHHHH
;
_entity_poly.pdbx_strand_id   A
#
loop_
_chem_comp.id
_chem_comp.type
_chem_comp.name
_chem_comp.formula
A1AYV non-polymer 2-oxo-2,3-dihydro-1,3-benzoxazole-6-sulfonamide 'C7 H6 N2 O4 S'
#
# COMPACT_ATOMS: atom_id res chain seq x y z
N GLU A 9 6.39 19.86 11.22
CA GLU A 9 5.53 20.49 10.24
C GLU A 9 4.62 19.45 9.60
N VAL A 10 3.37 19.38 10.09
CA VAL A 10 2.41 18.38 9.65
C VAL A 10 1.32 19.09 8.87
N GLU A 11 1.10 18.66 7.62
CA GLU A 11 0.07 19.21 6.77
C GLU A 11 -1.12 18.25 6.74
N THR A 12 -2.31 18.77 7.00
CA THR A 12 -3.54 17.98 6.97
C THR A 12 -4.34 18.32 5.72
N PHE A 13 -4.75 17.28 4.99
CA PHE A 13 -5.47 17.43 3.74
C PHE A 13 -6.82 16.72 3.85
N ALA A 14 -7.80 17.22 3.12
CA ALA A 14 -9.07 16.53 2.99
C ALA A 14 -9.02 15.61 1.77
N PHE A 15 -9.53 14.39 1.94
CA PHE A 15 -9.70 13.51 0.80
C PHE A 15 -10.70 14.13 -0.17
N GLN A 16 -10.48 13.90 -1.46
CA GLN A 16 -11.54 14.18 -2.43
C GLN A 16 -12.78 13.40 -2.03
N ALA A 17 -13.95 13.99 -2.30
CA ALA A 17 -15.22 13.39 -1.85
C ALA A 17 -15.35 11.96 -2.33
N GLU A 18 -14.94 11.68 -3.57
CA GLU A 18 -15.08 10.33 -4.11
C GLU A 18 -14.15 9.34 -3.40
N ILE A 19 -12.97 9.78 -2.97
CA ILE A 19 -12.05 8.88 -2.27
C ILE A 19 -12.54 8.62 -0.85
N ALA A 20 -13.10 9.64 -0.19
CA ALA A 20 -13.73 9.44 1.10
C ALA A 20 -14.88 8.44 0.98
N GLN A 21 -15.66 8.54 -0.10
CA GLN A 21 -16.74 7.60 -0.35
C GLN A 21 -16.22 6.17 -0.49
N LEU A 22 -15.20 5.98 -1.32
CA LEU A 22 -14.59 4.65 -1.47
C LEU A 22 -14.12 4.10 -0.13
N MET A 23 -13.55 4.97 0.71
CA MET A 23 -12.88 4.50 1.91
C MET A 23 -13.89 4.04 2.95
N SER A 24 -15.01 4.75 3.07
CA SER A 24 -16.08 4.33 3.97
C SER A 24 -16.83 3.12 3.43
N LEU A 25 -16.96 2.99 2.11
CA LEU A 25 -17.51 1.77 1.54
C LEU A 25 -16.66 0.56 1.93
N ILE A 26 -15.35 0.69 1.83
CA ILE A 26 -14.44 -0.40 2.18
C ILE A 26 -14.57 -0.72 3.68
N ILE A 27 -14.75 0.31 4.50
CA ILE A 27 -14.78 0.12 5.94
C ILE A 27 -16.12 -0.43 6.42
N ASN A 28 -17.22 -0.03 5.79
CA ASN A 28 -18.55 -0.31 6.32
C ASN A 28 -19.27 -1.46 5.62
N THR A 29 -18.85 -1.84 4.41
CA THR A 29 -19.51 -2.95 3.74
C THR A 29 -19.17 -4.26 4.43
N PHE A 30 -20.19 -5.08 4.71
CA PHE A 30 -19.93 -6.41 5.22
C PHE A 30 -19.32 -7.26 4.11
N TYR A 31 -18.08 -7.70 4.31
CA TYR A 31 -17.36 -8.42 3.27
C TYR A 31 -16.27 -9.24 3.94
N SER A 32 -16.45 -10.56 3.96
CA SER A 32 -15.60 -11.42 4.77
C SER A 32 -14.23 -11.67 4.15
N ASN A 33 -14.09 -11.54 2.83
CA ASN A 33 -12.86 -11.92 2.13
C ASN A 33 -11.82 -10.79 2.23
N LYS A 34 -11.44 -10.48 3.47
CA LYS A 34 -10.55 -9.35 3.72
C LYS A 34 -9.10 -9.63 3.31
N GLU A 35 -8.73 -10.90 3.15
CA GLU A 35 -7.33 -11.25 2.93
C GLU A 35 -6.78 -10.68 1.63
N ILE A 36 -7.64 -10.26 0.70
CA ILE A 36 -7.18 -9.74 -0.58
C ILE A 36 -6.41 -8.43 -0.44
N PHE A 37 -6.45 -7.79 0.72
CA PHE A 37 -5.67 -6.57 0.92
C PHE A 37 -4.19 -6.82 0.63
N LEU A 38 -3.68 -7.98 1.05
CA LEU A 38 -2.25 -8.25 0.91
C LEU A 38 -1.89 -8.48 -0.54
N ARG A 39 -2.73 -9.18 -1.28
CA ARG A 39 -2.56 -9.32 -2.72
C ARG A 39 -2.44 -7.96 -3.39
N GLU A 40 -3.33 -7.04 -3.02
CA GLU A 40 -3.37 -5.74 -3.68
C GLU A 40 -2.15 -4.89 -3.36
N LEU A 41 -1.67 -4.96 -2.11
CA LEU A 41 -0.49 -4.17 -1.74
C LEU A 41 0.78 -4.76 -2.35
N ILE A 42 0.87 -6.08 -2.42
CA ILE A 42 2.01 -6.72 -3.07
C ILE A 42 2.01 -6.41 -4.57
N SER A 43 0.83 -6.41 -5.18
CA SER A 43 0.73 -6.06 -6.59
C SER A 43 1.12 -4.61 -6.82
N ASN A 44 0.71 -3.71 -5.92
CA ASN A 44 1.17 -2.32 -5.98
C ASN A 44 2.68 -2.25 -5.90
N SER A 45 3.27 -3.00 -4.96
CA SER A 45 4.73 -3.03 -4.83
C SER A 45 5.39 -3.55 -6.10
N SER A 46 4.83 -4.60 -6.70
CA SER A 46 5.39 -5.15 -7.92
C SER A 46 5.35 -4.13 -9.06
N ASP A 47 4.26 -3.37 -9.15
CA ASP A 47 4.18 -2.33 -10.17
C ASP A 47 5.23 -1.26 -9.97
N ALA A 48 5.47 -0.86 -8.71
CA ALA A 48 6.48 0.15 -8.42
C ALA A 48 7.88 -0.37 -8.68
N LEU A 49 8.12 -1.67 -8.45
CA LEU A 49 9.42 -2.25 -8.77
C LEU A 49 9.62 -2.35 -10.28
N ASP A 50 8.55 -2.68 -11.02
CA ASP A 50 8.63 -2.65 -12.48
C ASP A 50 9.03 -1.27 -12.98
N LYS A 51 8.51 -0.21 -12.35
CA LYS A 51 8.77 1.15 -12.83
C LYS A 51 10.24 1.52 -12.68
N ILE A 52 10.84 1.22 -11.52
CA ILE A 52 12.23 1.59 -11.33
C ILE A 52 13.15 0.69 -12.15
N ARG A 53 12.77 -0.58 -12.38
CA ARG A 53 13.58 -1.42 -13.25
C ARG A 53 13.58 -0.90 -14.68
N TYR A 54 12.41 -0.50 -15.20
CA TYR A 54 12.35 0.03 -16.55
C TYR A 54 13.23 1.27 -16.70
N GLU A 55 13.15 2.19 -15.73
CA GLU A 55 13.98 3.39 -15.79
C GLU A 55 15.46 3.03 -15.77
N SER A 56 15.84 2.03 -14.98
CA SER A 56 17.25 1.65 -14.88
C SER A 56 17.77 0.99 -16.15
N LEU A 57 16.89 0.56 -17.05
CA LEU A 57 17.35 -0.08 -18.28
C LEU A 57 18.11 0.89 -19.17
N THR A 58 17.79 2.18 -19.10
CA THR A 58 18.50 3.19 -19.89
C THR A 58 19.34 4.14 -19.04
N ASP A 59 19.10 4.21 -17.74
CA ASP A 59 19.88 5.04 -16.83
C ASP A 59 20.19 4.20 -15.59
N PRO A 60 21.34 3.51 -15.57
CA PRO A 60 21.63 2.64 -14.42
C PRO A 60 21.81 3.39 -13.12
N SER A 61 22.21 4.66 -13.17
CA SER A 61 22.36 5.46 -11.96
C SER A 61 21.05 5.61 -11.19
N LYS A 62 19.91 5.29 -11.81
CA LYS A 62 18.65 5.32 -11.08
C LYS A 62 18.61 4.29 -9.96
N LEU A 63 19.51 3.31 -9.97
CA LEU A 63 19.62 2.33 -8.90
C LEU A 63 20.72 2.67 -7.91
N ASP A 64 21.30 3.86 -8.01
CA ASP A 64 22.29 4.28 -7.02
C ASP A 64 21.70 4.34 -5.62
N SER A 65 20.39 4.53 -5.52
CA SER A 65 19.69 4.56 -4.23
C SER A 65 19.34 3.17 -3.72
N GLY A 66 19.81 2.12 -4.40
CA GLY A 66 19.49 0.76 -4.00
C GLY A 66 19.33 -0.14 -5.20
N LYS A 67 20.18 -1.17 -5.32
CA LYS A 67 20.14 -2.05 -6.47
C LYS A 67 19.16 -3.20 -6.27
N GLU A 68 18.92 -3.62 -5.04
CA GLU A 68 18.05 -4.75 -4.77
C GLU A 68 16.59 -4.38 -5.01
N LEU A 69 15.87 -5.23 -5.75
CA LEU A 69 14.45 -5.04 -6.05
C LEU A 69 13.70 -6.17 -5.36
N HIS A 70 13.05 -5.87 -4.23
CA HIS A 70 12.43 -6.93 -3.44
C HIS A 70 11.23 -6.39 -2.68
N ILE A 71 10.50 -7.32 -2.07
CA ILE A 71 9.34 -7.03 -1.23
C ILE A 71 9.52 -7.76 0.09
N ASN A 72 9.40 -7.02 1.20
CA ASN A 72 9.50 -7.60 2.54
C ASN A 72 8.17 -7.45 3.26
N LEU A 73 7.80 -8.50 3.98
CA LEU A 73 6.58 -8.51 4.80
C LEU A 73 7.01 -8.62 6.25
N ILE A 74 6.67 -7.63 7.06
CA ILE A 74 7.18 -7.55 8.43
C ILE A 74 6.02 -7.46 9.41
N PRO A 75 5.63 -8.57 10.03
CA PRO A 75 4.64 -8.50 11.11
C PRO A 75 5.30 -8.17 12.44
N ASN A 76 4.60 -7.36 13.24
CA ASN A 76 5.05 -7.00 14.58
C ASN A 76 3.87 -7.12 15.52
N LYS A 77 3.86 -8.17 16.35
CA LYS A 77 2.71 -8.43 17.21
C LYS A 77 2.64 -7.46 18.38
N GLN A 78 3.80 -6.98 18.86
CA GLN A 78 3.78 -6.01 19.96
C GLN A 78 3.17 -4.69 19.50
N ASP A 79 3.56 -4.21 18.32
CA ASP A 79 3.00 -2.99 17.75
C ASP A 79 1.67 -3.23 17.06
N ARG A 80 1.31 -4.49 16.82
CA ARG A 80 0.12 -4.87 16.04
C ARG A 80 0.14 -4.19 14.67
N THR A 81 1.27 -4.32 13.98
CA THR A 81 1.44 -3.74 12.65
C THR A 81 1.93 -4.81 11.68
N LEU A 82 1.43 -4.72 10.45
CA LEU A 82 1.97 -5.47 9.32
C LEU A 82 2.52 -4.47 8.31
N THR A 83 3.80 -4.59 8.02
CA THR A 83 4.50 -3.65 7.15
C THR A 83 4.88 -4.33 5.85
N ILE A 84 4.54 -3.70 4.73
CA ILE A 84 4.90 -4.18 3.40
C ILE A 84 5.92 -3.19 2.83
N VAL A 85 7.16 -3.65 2.66
CA VAL A 85 8.27 -2.84 2.19
C VAL A 85 8.64 -3.28 0.78
N ASP A 86 8.83 -2.31 -0.11
CA ASP A 86 9.35 -2.57 -1.44
C ASP A 86 10.40 -1.52 -1.76
N THR A 87 11.34 -1.89 -2.63
CA THR A 87 12.37 -0.98 -3.10
C THR A 87 12.07 -0.50 -4.52
N GLY A 88 10.80 -0.21 -4.79
CA GLY A 88 10.38 0.29 -6.09
C GLY A 88 10.69 1.75 -6.27
N ILE A 89 10.03 2.35 -7.27
CA ILE A 89 10.35 3.71 -7.67
C ILE A 89 9.98 4.73 -6.59
N GLY A 90 9.07 4.38 -5.69
CA GLY A 90 8.68 5.32 -4.65
C GLY A 90 7.73 6.38 -5.16
N MET A 91 7.46 7.36 -4.30
CA MET A 91 6.48 8.40 -4.59
C MET A 91 7.02 9.75 -4.16
N THR A 92 6.75 10.77 -4.97
CA THR A 92 7.03 12.13 -4.57
C THR A 92 5.95 12.63 -3.62
N LYS A 93 6.21 13.78 -2.99
CA LYS A 93 5.18 14.41 -2.17
C LYS A 93 3.94 14.71 -3.00
N ALA A 94 4.12 15.15 -4.25
CA ALA A 94 2.99 15.39 -5.13
C ALA A 94 2.22 14.11 -5.39
N ASP A 95 2.93 13.00 -5.61
CA ASP A 95 2.27 11.71 -5.79
C ASP A 95 1.44 11.33 -4.56
N LEU A 96 2.03 11.49 -3.37
CA LEU A 96 1.33 11.15 -2.13
C LEU A 96 0.03 11.91 -2.00
N ILE A 97 0.09 13.23 -2.17
CA ILE A 97 -1.11 14.06 -2.07
C ILE A 97 -2.11 13.70 -3.15
N ASN A 98 -1.62 13.40 -4.36
CA ASN A 98 -2.48 13.01 -5.48
C ASN A 98 -2.87 11.53 -5.39
N ASN A 99 -3.48 11.18 -4.26
CA ASN A 99 -4.04 9.85 -4.03
C ASN A 99 -3.00 8.75 -4.26
N LEU A 100 -1.79 8.98 -3.74
CA LEU A 100 -0.71 8.00 -3.77
C LEU A 100 -0.44 7.48 -5.18
N GLY A 101 -0.33 8.40 -6.13
CA GLY A 101 0.05 8.04 -7.49
C GLY A 101 -1.03 7.35 -8.30
N THR A 102 -2.27 7.36 -7.83
CA THR A 102 -3.37 6.70 -8.52
C THR A 102 -4.28 7.73 -9.17
N ILE A 103 -5.11 7.26 -10.11
CA ILE A 103 -6.19 8.06 -10.65
C ILE A 103 -7.46 7.68 -9.91
N ALA A 104 -7.48 7.95 -8.60
CA ALA A 104 -8.48 7.35 -7.72
C ALA A 104 -9.88 7.89 -7.99
N LYS A 105 -10.00 9.11 -8.51
CA LYS A 105 -11.32 9.68 -8.77
C LYS A 105 -12.05 8.88 -9.84
N SER A 106 -11.45 8.76 -11.03
CA SER A 106 -12.08 7.96 -12.08
C SER A 106 -12.08 6.48 -11.72
N GLY A 107 -11.05 6.00 -11.01
CA GLY A 107 -11.03 4.61 -10.61
C GLY A 107 -12.16 4.26 -9.67
N THR A 108 -12.41 5.11 -8.67
CA THR A 108 -13.54 4.90 -7.77
C THR A 108 -14.86 4.95 -8.54
N LYS A 109 -14.98 5.88 -9.48
CA LYS A 109 -16.17 5.95 -10.32
C LYS A 109 -16.43 4.62 -11.03
N ALA A 110 -15.41 4.06 -11.67
CA ALA A 110 -15.59 2.79 -12.37
C ALA A 110 -15.84 1.64 -11.39
N PHE A 111 -15.12 1.64 -10.26
CA PHE A 111 -15.27 0.56 -9.29
C PHE A 111 -16.69 0.49 -8.74
N MET A 112 -17.31 1.64 -8.47
CA MET A 112 -18.62 1.63 -7.82
C MET A 112 -19.75 1.30 -8.78
N GLU A 113 -19.59 1.60 -10.07
CA GLU A 113 -20.56 1.13 -11.05
C GLU A 113 -20.46 -0.38 -11.23
N ALA A 114 -19.24 -0.92 -11.16
CA ALA A 114 -19.06 -2.36 -11.28
C ALA A 114 -19.70 -3.08 -10.09
N LEU A 115 -19.61 -2.50 -8.90
CA LEU A 115 -20.19 -3.12 -7.71
C LEU A 115 -21.70 -3.27 -7.86
N GLN A 116 -22.37 -2.23 -8.35
CA GLN A 116 -23.80 -2.34 -8.62
C GLN A 116 -24.10 -3.19 -9.84
N ALA A 117 -23.09 -3.50 -10.66
CA ALA A 117 -23.23 -4.40 -11.80
C ALA A 117 -22.76 -5.81 -11.48
N GLY A 118 -22.74 -6.19 -10.20
CA GLY A 118 -22.45 -7.55 -9.79
C GLY A 118 -21.08 -7.78 -9.19
N ALA A 119 -20.15 -6.84 -9.33
CA ALA A 119 -18.80 -7.05 -8.84
C ALA A 119 -18.76 -7.04 -7.31
N ASP A 120 -17.66 -7.52 -6.75
CA ASP A 120 -17.42 -7.48 -5.32
C ASP A 120 -16.09 -6.78 -5.05
N ILE A 121 -15.82 -6.57 -3.75
CA ILE A 121 -14.69 -5.73 -3.35
C ILE A 121 -13.36 -6.33 -3.77
N SER A 122 -13.29 -7.65 -3.92
CA SER A 122 -12.02 -8.30 -4.29
C SER A 122 -11.49 -7.84 -5.64
N MET A 123 -12.34 -7.25 -6.48
CA MET A 123 -11.93 -6.78 -7.80
C MET A 123 -11.46 -5.34 -7.80
N ILE A 124 -11.23 -4.76 -6.61
CA ILE A 124 -10.81 -3.36 -6.48
C ILE A 124 -9.54 -3.09 -7.27
N GLY A 125 -8.67 -4.09 -7.40
CA GLY A 125 -7.38 -3.87 -8.07
C GLY A 125 -7.51 -3.56 -9.55
N GLN A 126 -8.55 -4.08 -10.20
CA GLN A 126 -8.75 -3.81 -11.62
C GLN A 126 -9.14 -2.36 -11.90
N PHE A 127 -9.39 -1.58 -10.85
CA PHE A 127 -9.78 -0.18 -10.99
C PHE A 127 -8.70 0.77 -10.46
N GLY A 128 -7.50 0.27 -10.19
CA GLY A 128 -6.37 1.10 -9.85
C GLY A 128 -6.37 1.70 -8.46
N VAL A 129 -7.29 1.29 -7.59
CA VAL A 129 -7.37 1.86 -6.25
C VAL A 129 -7.21 0.76 -5.21
N GLY A 130 -6.42 -0.27 -5.54
CA GLY A 130 -6.23 -1.40 -4.65
C GLY A 130 -5.58 -1.03 -3.32
N PHE A 131 -4.87 0.10 -3.27
CA PHE A 131 -4.24 0.52 -2.02
C PHE A 131 -5.26 0.64 -0.89
N TYR A 132 -6.43 1.19 -1.19
CA TYR A 132 -7.40 1.51 -0.15
C TYR A 132 -8.05 0.27 0.45
N SER A 133 -7.83 -0.91 -0.15
CA SER A 133 -8.22 -2.16 0.50
C SER A 133 -7.45 -2.41 1.78
N ALA A 134 -6.40 -1.63 2.05
CA ALA A 134 -5.71 -1.73 3.32
C ALA A 134 -6.66 -1.48 4.49
N TYR A 135 -7.70 -0.67 4.28
CA TYR A 135 -8.63 -0.35 5.34
C TYR A 135 -9.67 -1.45 5.56
N LEU A 136 -9.53 -2.58 4.86
CA LEU A 136 -10.28 -3.77 5.24
C LEU A 136 -9.78 -4.35 6.55
N VAL A 137 -8.50 -4.16 6.86
CA VAL A 137 -7.89 -4.74 8.05
C VAL A 137 -7.22 -3.73 8.96
N ALA A 138 -6.97 -2.51 8.50
CA ALA A 138 -6.20 -1.52 9.25
C ALA A 138 -7.11 -0.38 9.69
N GLU A 139 -7.02 -0.02 10.96
CA GLU A 139 -7.66 1.18 11.45
C GLU A 139 -6.87 2.44 11.11
N LYS A 140 -5.60 2.29 10.75
CA LYS A 140 -4.74 3.41 10.39
C LYS A 140 -3.64 2.89 9.49
N VAL A 141 -3.27 3.69 8.49
CA VAL A 141 -2.23 3.31 7.54
C VAL A 141 -1.21 4.43 7.46
N THR A 142 0.06 4.09 7.61
CA THR A 142 1.17 5.02 7.42
C THR A 142 1.96 4.58 6.19
N VAL A 143 2.24 5.51 5.29
CA VAL A 143 3.01 5.25 4.09
C VAL A 143 4.27 6.10 4.14
N ILE A 144 5.42 5.44 4.29
CA ILE A 144 6.72 6.07 4.18
C ILE A 144 7.24 5.79 2.78
N THR A 145 7.74 6.84 2.10
CA THR A 145 8.16 6.67 0.72
C THR A 145 9.32 7.59 0.41
N LYS A 146 10.18 7.14 -0.49
CA LYS A 146 11.31 7.91 -0.97
C LYS A 146 11.44 7.70 -2.47
N HIS A 147 11.32 8.77 -3.23
CA HIS A 147 11.50 8.77 -4.67
C HIS A 147 12.83 9.44 -4.98
N ASN A 148 13.47 9.00 -6.07
CA ASN A 148 14.79 9.54 -6.42
C ASN A 148 14.79 11.06 -6.55
N ASP A 149 13.66 11.64 -6.95
CA ASP A 149 13.59 13.08 -7.24
C ASP A 149 13.01 13.88 -6.08
N ASP A 150 12.83 13.29 -4.91
CA ASP A 150 12.20 13.99 -3.80
C ASP A 150 12.80 13.50 -2.48
N GLU A 151 12.34 14.10 -1.39
CA GLU A 151 12.77 13.73 -0.05
C GLU A 151 11.87 12.62 0.49
N GLN A 152 12.24 12.12 1.68
CA GLN A 152 11.45 11.07 2.31
C GLN A 152 10.25 11.68 3.03
N TYR A 153 9.06 11.18 2.72
CA TYR A 153 7.82 11.70 3.27
C TYR A 153 7.01 10.60 3.93
N ALA A 154 6.15 11.02 4.86
CA ALA A 154 5.26 10.10 5.58
C ALA A 154 3.82 10.56 5.38
N TRP A 155 3.02 9.69 4.78
CA TRP A 155 1.59 9.89 4.62
C TRP A 155 0.86 9.06 5.68
N GLU A 156 -0.26 9.57 6.19
CA GLU A 156 -0.97 8.86 7.24
C GLU A 156 -2.45 9.20 7.20
N SER A 157 -3.30 8.20 7.48
CA SER A 157 -4.73 8.42 7.54
C SER A 157 -5.39 7.32 8.36
N SER A 158 -6.25 7.72 9.28
CA SER A 158 -7.16 6.81 9.97
C SER A 158 -8.57 6.88 9.38
N ALA A 159 -8.67 7.18 8.09
CA ALA A 159 -9.94 7.45 7.40
C ALA A 159 -10.56 8.70 8.03
N GLY A 160 -11.87 8.79 8.07
CA GLY A 160 -12.50 9.98 8.62
C GLY A 160 -12.38 11.22 7.78
N GLY A 161 -11.99 11.08 6.51
CA GLY A 161 -12.03 12.18 5.56
C GLY A 161 -10.76 12.99 5.43
N SER A 162 -9.67 12.62 6.09
CA SER A 162 -8.47 13.43 6.03
C SER A 162 -7.23 12.55 6.10
N PHE A 163 -6.14 13.09 5.56
CA PHE A 163 -4.83 12.47 5.68
C PHE A 163 -3.80 13.54 5.97
N THR A 164 -2.68 13.13 6.52
CA THR A 164 -1.58 14.04 6.81
C THR A 164 -0.36 13.66 6.00
N VAL A 165 0.48 14.66 5.72
CA VAL A 165 1.77 14.46 5.07
C VAL A 165 2.79 15.25 5.85
N ARG A 166 3.91 14.62 6.18
CA ARG A 166 5.03 15.30 6.81
C ARG A 166 6.33 14.75 6.25
N THR A 167 7.37 15.57 6.32
CA THR A 167 8.72 15.09 6.09
C THR A 167 9.05 14.01 7.12
N ASP A 168 9.54 12.87 6.65
CA ASP A 168 9.84 11.74 7.53
C ASP A 168 11.25 11.87 8.07
N THR A 169 11.37 12.03 9.38
CA THR A 169 12.67 12.06 10.05
C THR A 169 13.10 10.69 10.55
N GLY A 170 12.36 9.64 10.18
CA GLY A 170 12.68 8.29 10.62
C GLY A 170 13.88 7.69 9.93
N GLU A 171 13.93 6.36 9.88
CA GLU A 171 15.06 5.68 9.29
C GLU A 171 15.11 5.95 7.79
N PRO A 172 16.23 6.42 7.26
CA PRO A 172 16.32 6.65 5.81
C PRO A 172 16.05 5.39 5.00
N MET A 173 15.31 5.56 3.90
CA MET A 173 14.77 4.46 3.12
C MET A 173 15.64 4.07 1.93
N GLY A 174 16.39 5.01 1.38
CA GLY A 174 17.12 4.78 0.15
C GLY A 174 16.24 5.07 -1.04
N ARG A 175 15.28 4.17 -1.30
CA ARG A 175 14.28 4.34 -2.35
C ARG A 175 13.22 3.27 -2.17
N GLY A 176 11.96 3.66 -2.32
CA GLY A 176 10.88 2.70 -2.27
C GLY A 176 9.73 3.21 -1.42
N THR A 177 8.89 2.27 -1.01
CA THR A 177 7.67 2.61 -0.28
C THR A 177 7.46 1.60 0.84
N LYS A 178 7.03 2.10 1.99
CA LYS A 178 6.75 1.28 3.16
C LYS A 178 5.32 1.55 3.61
N VAL A 179 4.47 0.53 3.54
CA VAL A 179 3.07 0.63 3.95
C VAL A 179 2.93 -0.04 5.30
N ILE A 180 2.61 0.75 6.32
CA ILE A 180 2.49 0.26 7.69
C ILE A 180 1.01 0.15 8.03
N LEU A 181 0.54 -1.08 8.24
CA LEU A 181 -0.86 -1.34 8.54
C LEU A 181 -1.02 -1.49 10.05
N HIS A 182 -1.64 -0.50 10.67
CA HIS A 182 -2.01 -0.60 12.09
C HIS A 182 -3.34 -1.36 12.16
N LEU A 183 -3.26 -2.65 12.48
CA LEU A 183 -4.37 -3.56 12.25
C LEU A 183 -5.49 -3.35 13.26
N LYS A 184 -6.72 -3.58 12.81
CA LYS A 184 -7.86 -3.61 13.72
C LYS A 184 -7.68 -4.72 14.75
N GLU A 185 -8.35 -4.56 15.88
CA GLU A 185 -8.14 -5.47 17.00
C GLU A 185 -8.56 -6.90 16.67
N ASP A 186 -9.54 -7.08 15.81
CA ASP A 186 -10.02 -8.41 15.45
C ASP A 186 -9.37 -8.95 14.17
N GLN A 187 -8.31 -8.31 13.69
CA GLN A 187 -7.68 -8.70 12.43
C GLN A 187 -6.22 -9.09 12.63
N THR A 188 -5.86 -9.57 13.83
CA THR A 188 -4.48 -9.91 14.13
C THR A 188 -4.04 -11.22 13.50
N GLU A 189 -4.95 -11.98 12.89
CA GLU A 189 -4.56 -13.20 12.19
C GLU A 189 -3.54 -12.92 11.09
N TYR A 190 -3.54 -11.71 10.54
CA TYR A 190 -2.62 -11.33 9.48
C TYR A 190 -1.25 -10.95 10.01
N LEU A 191 -1.01 -11.14 11.30
CA LEU A 191 0.32 -11.11 11.89
C LEU A 191 0.90 -12.51 12.05
N GLU A 192 0.13 -13.55 11.80
CA GLU A 192 0.55 -14.92 12.02
C GLU A 192 1.30 -15.42 10.80
N GLU A 193 2.39 -16.15 11.04
CA GLU A 193 3.28 -16.54 9.94
C GLU A 193 2.56 -17.44 8.95
N ARG A 194 1.86 -18.46 9.45
CA ARG A 194 1.23 -19.42 8.55
C ARG A 194 0.07 -18.79 7.77
N ARG A 195 -0.56 -17.76 8.34
CA ARG A 195 -1.65 -17.09 7.63
C ARG A 195 -1.11 -16.23 6.50
N ILE A 196 -0.03 -15.48 6.76
CA ILE A 196 0.58 -14.68 5.71
C ILE A 196 1.12 -15.58 4.61
N LYS A 197 1.81 -16.65 4.99
CA LYS A 197 2.32 -17.62 4.02
C LYS A 197 1.21 -18.14 3.12
N GLU A 198 0.09 -18.54 3.73
CA GLU A 198 -1.05 -19.05 2.97
C GLU A 198 -1.54 -18.03 1.95
N ILE A 199 -1.68 -16.77 2.38
CA ILE A 199 -2.21 -15.74 1.50
C ILE A 199 -1.25 -15.46 0.35
N VAL A 200 0.06 -15.40 0.64
CA VAL A 200 1.05 -15.11 -0.40
C VAL A 200 1.06 -16.23 -1.43
N LYS A 201 0.99 -17.48 -0.99
CA LYS A 201 1.00 -18.60 -1.93
C LYS A 201 -0.29 -18.66 -2.73
N LYS A 202 -1.42 -18.28 -2.12
CA LYS A 202 -2.70 -18.34 -2.82
C LYS A 202 -2.82 -17.25 -3.88
N HIS A 203 -2.36 -16.04 -3.60
CA HIS A 203 -2.67 -14.89 -4.42
C HIS A 203 -1.47 -14.24 -5.10
N SER A 204 -0.24 -14.52 -4.67
CA SER A 204 0.93 -13.81 -5.18
C SER A 204 2.02 -14.76 -5.65
N GLN A 205 1.66 -15.96 -6.11
CA GLN A 205 2.67 -16.95 -6.45
C GLN A 205 3.48 -16.58 -7.69
N PHE A 206 2.99 -15.64 -8.50
CA PHE A 206 3.65 -15.28 -9.75
C PHE A 206 4.19 -13.86 -9.74
N ILE A 207 4.37 -13.27 -8.57
CA ILE A 207 5.03 -11.98 -8.47
C ILE A 207 6.52 -12.17 -8.74
N GLY A 208 7.07 -11.37 -9.67
CA GLY A 208 8.42 -11.59 -10.15
C GLY A 208 9.53 -10.99 -9.30
N TYR A 209 9.29 -10.85 -8.01
CA TYR A 209 10.28 -10.31 -7.08
C TYR A 209 10.28 -11.13 -5.81
N PRO A 210 11.42 -11.27 -5.15
CA PRO A 210 11.47 -12.06 -3.91
C PRO A 210 10.62 -11.42 -2.82
N ILE A 211 9.71 -12.21 -2.26
CA ILE A 211 8.87 -11.79 -1.14
C ILE A 211 9.39 -12.52 0.10
N THR A 212 9.94 -11.76 1.04
CA THR A 212 10.56 -12.31 2.23
C THR A 212 9.65 -12.04 3.42
N LEU A 213 9.14 -13.11 4.04
CA LEU A 213 8.29 -13.00 5.23
C LEU A 213 9.20 -13.02 6.45
N PHE A 214 9.34 -11.87 7.11
CA PHE A 214 10.14 -11.79 8.32
C PHE A 214 9.47 -12.58 9.44
N VAL A 215 10.28 -13.16 10.31
CA VAL A 215 9.79 -13.85 11.49
C VAL A 215 10.07 -12.99 12.71
N GLU A 216 9.44 -13.34 13.83
CA GLU A 216 9.54 -12.57 15.05
C GLU A 216 10.23 -13.36 16.15
N LYS A 217 10.76 -12.63 17.14
CA LYS A 217 11.46 -13.22 18.27
C LYS A 217 10.61 -14.25 19.00
C1 A1AYV B . -14.15 16.59 6.18
C2 A1AYV B . -14.98 16.80 7.29
C3 A1AYV B . -14.57 16.44 8.56
C4 A1AYV B . -13.31 15.87 8.70
C5 A1AYV B . -11.41 14.90 9.38
C6 A1AYV B . -12.51 15.66 7.60
C7 A1AYV B . -12.90 16.01 6.33
N1 A1AYV B . -15.34 15.79 3.86
N2 A1AYV B . -12.60 15.38 9.80
O1 A1AYV B . -15.75 18.02 4.74
O2 A1AYV B . -13.56 17.44 3.81
O3 A1AYV B . -10.52 14.41 10.02
O4 A1AYV B . -11.33 15.06 8.01
S1 A1AYV B . -14.71 17.07 4.58
#